data_3OHS
#
_entry.id   3OHS
#
_cell.length_a   122.446
_cell.length_b   122.446
_cell.length_c   121.388
_cell.angle_alpha   90.00
_cell.angle_beta   90.00
_cell.angle_gamma   120.00
#
_symmetry.space_group_name_H-M   'P 61 2 2'
#
loop_
_entity.id
_entity.type
_entity.pdbx_description
1 polymer 'Trans-1,2-dihydrobenzene-1,2-diol dehydrogenase'
2 non-polymer 'SULFATE ION'
3 non-polymer BETA-MERCAPTOETHANOL
4 non-polymer Dihydroxyacetone
5 water water
#
_entity_poly.entity_id   1
_entity_poly.type   'polypeptide(L)'
_entity_poly.pdbx_seq_one_letter_code
;MALRWGIVSVGLISSDFTAVLQTLPRSEHQVVAVAARDLSRAKEFAQKHDIPKAYGSYEELAKDPNVEVAYVGTQHPQHK
AAVMLCLAAGKAVLCEKPMGVNAAEVREMVTEARSRGLFLMEAIWTRFFPASEALRSVLAQGTLGDLRVARAEFGKNLTH
VPRAVDWAQAGGALLDLGIYCVQFISMVFGGQKPEKISVMGRRHETGVDDTVTVLLQYPGEVHGSFTCSITAQLSNTASV
SGTKGMAQLLNPCWCPTELVVKGEHKEFLLPPVPKNCNFDNGAGMSYEAKHVRECLRKGLKESPVIPLVESELLADILEE
VRRAIGVTFPQDKH
;
_entity_poly.pdbx_strand_id   X
#
# COMPACT_ATOMS: atom_id res chain seq x y z
N ALA A 2 20.51 9.06 12.04
CA ALA A 2 19.73 8.56 10.89
C ALA A 2 18.88 7.35 11.25
N LEU A 3 17.74 7.28 10.57
CA LEU A 3 16.84 6.13 10.72
C LEU A 3 17.51 4.96 10.02
N ARG A 4 17.74 3.88 10.72
CA ARG A 4 18.44 2.74 10.16
C ARG A 4 17.50 1.64 9.64
N TRP A 5 17.43 1.50 8.32
CA TRP A 5 16.57 0.55 7.66
C TRP A 5 17.20 -0.82 7.37
N GLY A 6 16.40 -1.85 7.50
CA GLY A 6 16.72 -3.20 7.11
C GLY A 6 15.74 -3.65 6.03
N ILE A 7 16.25 -4.20 4.96
CA ILE A 7 15.46 -4.60 3.85
C ILE A 7 15.22 -6.10 3.84
N VAL A 8 13.95 -6.49 3.92
CA VAL A 8 13.53 -7.86 3.91
C VAL A 8 13.00 -8.28 2.55
N SER A 9 13.75 -9.15 1.88
CA SER A 9 13.40 -9.61 0.55
C SER A 9 14.10 -8.77 -0.50
N VAL A 10 14.57 -9.42 -1.57
CA VAL A 10 15.27 -8.72 -2.62
C VAL A 10 14.62 -8.66 -3.98
N GLY A 11 13.31 -8.75 -4.02
CA GLY A 11 12.61 -8.62 -5.25
C GLY A 11 12.54 -7.21 -5.80
N LEU A 12 11.70 -7.04 -6.80
CA LEU A 12 11.55 -5.81 -7.53
C LEU A 12 11.09 -4.66 -6.68
N ILE A 13 10.16 -4.95 -5.77
CA ILE A 13 9.66 -3.79 -4.98
C ILE A 13 10.72 -3.35 -3.93
N SER A 14 11.41 -4.31 -3.32
CA SER A 14 12.49 -3.99 -2.40
C SER A 14 13.62 -3.24 -3.15
N SER A 15 13.84 -3.60 -4.41
CA SER A 15 14.81 -2.90 -5.25
CA SER A 15 14.81 -2.90 -5.25
C SER A 15 14.43 -1.42 -5.37
N ASP A 16 13.19 -1.15 -5.74
CA ASP A 16 12.72 0.21 -5.89
C ASP A 16 12.79 0.96 -4.57
N PHE A 17 12.35 0.33 -3.48
CA PHE A 17 12.30 1.05 -2.17
C PHE A 17 13.72 1.37 -1.72
N THR A 18 14.61 0.39 -1.84
CA THR A 18 16.04 0.63 -1.51
C THR A 18 16.66 1.78 -2.35
N ALA A 19 16.38 1.82 -3.65
CA ALA A 19 16.91 2.88 -4.51
C ALA A 19 16.37 4.25 -4.04
N VAL A 20 15.07 4.30 -3.69
CA VAL A 20 14.50 5.52 -3.14
C VAL A 20 15.17 5.94 -1.85
N LEU A 21 15.31 5.04 -0.88
CA LEU A 21 15.91 5.41 0.38
C LEU A 21 17.35 5.93 0.17
N GLN A 22 18.03 5.42 -0.87
CA GLN A 22 19.40 5.88 -1.10
CA GLN A 22 19.40 5.86 -1.17
C GLN A 22 19.48 7.23 -1.84
N THR A 23 18.34 7.85 -2.06
CA THR A 23 18.30 9.20 -2.63
C THR A 23 17.96 10.21 -1.55
N LEU A 24 17.68 9.72 -0.34
CA LEU A 24 17.29 10.64 0.74
C LEU A 24 18.49 11.16 1.59
N PRO A 25 18.24 12.19 2.41
CA PRO A 25 19.44 12.74 3.08
C PRO A 25 20.11 11.71 3.99
N ARG A 26 21.43 11.69 3.92
CA ARG A 26 22.21 10.62 4.53
C ARG A 26 22.13 10.70 6.07
N SER A 27 21.78 11.89 6.56
CA SER A 27 21.69 12.12 7.98
C SER A 27 20.30 11.76 8.48
N GLU A 28 19.39 11.50 7.53
CA GLU A 28 18.02 11.11 7.85
C GLU A 28 17.74 9.60 7.65
N HIS A 29 18.28 8.95 6.62
CA HIS A 29 18.01 7.50 6.33
C HIS A 29 19.26 6.72 6.00
N GLN A 30 19.46 5.56 6.58
CA GLN A 30 20.57 4.74 6.15
C GLN A 30 20.06 3.33 5.94
N VAL A 31 20.45 2.67 4.84
CA VAL A 31 20.14 1.26 4.62
C VAL A 31 21.32 0.45 5.16
N VAL A 32 21.10 -0.29 6.25
CA VAL A 32 22.19 -0.93 6.95
C VAL A 32 22.24 -2.42 6.75
N ALA A 33 21.16 -3.02 6.29
CA ALA A 33 21.17 -4.47 6.16
C ALA A 33 20.09 -4.98 5.24
N VAL A 34 20.35 -6.13 4.61
CA VAL A 34 19.39 -6.73 3.70
C VAL A 34 19.37 -8.26 3.80
N ALA A 35 18.18 -8.85 3.93
CA ALA A 35 18.05 -10.28 3.99
C ALA A 35 17.27 -10.87 2.83
N ALA A 36 17.69 -12.05 2.40
CA ALA A 36 17.03 -12.81 1.36
C ALA A 36 16.97 -14.24 1.88
N ARG A 37 16.26 -15.12 1.18
CA ARG A 37 16.14 -16.50 1.65
C ARG A 37 17.41 -17.34 1.34
N ASP A 38 18.39 -16.75 0.67
CA ASP A 38 19.76 -17.31 0.74
C ASP A 38 20.82 -16.21 0.65
N LEU A 39 21.99 -16.45 1.25
CA LEU A 39 23.06 -15.47 1.32
C LEU A 39 23.48 -14.96 -0.02
N SER A 40 23.59 -15.86 -0.99
CA SER A 40 23.98 -15.51 -2.37
C SER A 40 23.16 -14.30 -2.92
N ARG A 41 21.87 -14.46 -3.05
CA ARG A 41 20.96 -13.39 -3.44
CA ARG A 41 20.91 -13.40 -3.47
C ARG A 41 21.08 -12.13 -2.60
N ALA A 42 21.20 -12.30 -1.30
CA ALA A 42 21.36 -11.13 -0.39
C ALA A 42 22.67 -10.35 -0.67
N LYS A 43 23.81 -11.07 -0.77
CA LYS A 43 25.08 -10.40 -1.15
C LYS A 43 25.01 -9.72 -2.50
N GLU A 44 24.46 -10.37 -3.53
CA GLU A 44 24.32 -9.68 -4.83
C GLU A 44 23.54 -8.34 -4.72
N PHE A 45 22.40 -8.40 -4.00
CA PHE A 45 21.62 -7.20 -3.75
C PHE A 45 22.43 -6.15 -2.94
N ALA A 46 23.07 -6.59 -1.84
CA ALA A 46 23.85 -5.64 -1.00
C ALA A 46 24.98 -4.96 -1.83
N GLN A 47 25.56 -5.71 -2.75
CA GLN A 47 26.63 -5.13 -3.61
C GLN A 47 26.06 -4.15 -4.62
N LYS A 48 24.97 -4.51 -5.30
CA LYS A 48 24.35 -3.59 -6.26
C LYS A 48 23.85 -2.31 -5.58
N HIS A 49 23.42 -2.39 -4.32
CA HIS A 49 22.70 -1.25 -3.71
C HIS A 49 23.52 -0.61 -2.60
N ASP A 50 24.77 -1.03 -2.48
CA ASP A 50 25.71 -0.42 -1.55
CA ASP A 50 25.71 -0.43 -1.55
C ASP A 50 25.22 -0.45 -0.10
N ILE A 51 24.77 -1.61 0.34
CA ILE A 51 24.38 -1.87 1.73
C ILE A 51 25.52 -2.63 2.36
N PRO A 52 25.88 -2.28 3.59
CA PRO A 52 27.04 -2.91 4.21
C PRO A 52 26.87 -4.30 4.83
N LYS A 53 25.66 -4.79 5.10
CA LYS A 53 25.50 -6.14 5.69
C LYS A 53 24.43 -7.00 4.98
N ALA A 54 24.74 -8.27 4.69
CA ALA A 54 23.84 -9.18 3.98
C ALA A 54 23.54 -10.42 4.81
N TYR A 55 22.30 -10.94 4.77
CA TYR A 55 21.98 -12.11 5.57
C TYR A 55 21.23 -13.05 4.68
N GLY A 56 21.36 -14.34 4.95
CA GLY A 56 20.65 -15.34 4.17
C GLY A 56 19.42 -15.84 4.91
N SER A 57 18.95 -15.10 5.93
CA SER A 57 17.62 -15.45 6.50
C SER A 57 17.00 -14.19 7.10
N TYR A 58 15.68 -14.14 7.19
CA TYR A 58 15.04 -12.89 7.68
C TYR A 58 15.30 -12.82 9.16
N GLU A 59 15.28 -14.00 9.78
CA GLU A 59 15.52 -14.03 11.22
C GLU A 59 16.82 -13.31 11.64
N GLU A 60 17.89 -13.48 10.84
CA GLU A 60 19.17 -12.82 11.14
C GLU A 60 19.06 -11.30 11.06
N LEU A 61 18.25 -10.80 10.12
CA LEU A 61 18.00 -9.34 10.01
C LEU A 61 17.22 -8.83 11.20
N ALA A 62 16.18 -9.58 11.61
CA ALA A 62 15.37 -9.17 12.79
C ALA A 62 16.27 -8.98 14.01
N LYS A 63 17.26 -9.85 14.15
CA LYS A 63 18.16 -9.86 15.29
C LYS A 63 19.34 -8.90 15.25
N ASP A 64 19.59 -8.30 14.11
CA ASP A 64 20.63 -7.29 13.97
C ASP A 64 20.33 -6.06 14.86
N PRO A 65 21.16 -5.78 15.90
CA PRO A 65 20.78 -4.64 16.75
C PRO A 65 20.98 -3.25 16.10
N ASN A 66 21.60 -3.18 14.94
CA ASN A 66 21.77 -1.90 14.24
CA ASN A 66 21.76 -1.89 14.25
C ASN A 66 20.52 -1.51 13.42
N VAL A 67 19.62 -2.48 13.18
CA VAL A 67 18.40 -2.17 12.38
C VAL A 67 17.33 -1.60 13.32
N GLU A 68 16.76 -0.45 12.97
CA GLU A 68 15.71 0.17 13.75
C GLU A 68 14.31 -0.16 13.18
N VAL A 69 14.23 -0.19 11.85
CA VAL A 69 12.99 -0.40 11.13
C VAL A 69 13.23 -1.36 9.96
N ALA A 70 12.34 -2.33 9.85
CA ALA A 70 12.39 -3.32 8.78
C ALA A 70 11.32 -3.01 7.72
N TYR A 71 11.72 -3.07 6.45
CA TYR A 71 10.81 -2.90 5.33
C TYR A 71 10.55 -4.34 4.84
N VAL A 72 9.30 -4.79 4.91
CA VAL A 72 9.00 -6.21 4.55
C VAL A 72 8.45 -6.06 3.16
N GLY A 73 9.26 -6.43 2.14
CA GLY A 73 8.90 -6.37 0.72
C GLY A 73 8.66 -7.76 0.08
N THR A 74 8.40 -8.77 0.89
CA THR A 74 8.10 -10.11 0.35
C THR A 74 6.81 -10.22 -0.49
N GLN A 75 6.60 -11.36 -1.14
CA GLN A 75 5.35 -11.64 -1.84
CA GLN A 75 5.33 -11.57 -1.87
C GLN A 75 4.18 -11.67 -0.83
N HIS A 76 2.98 -11.46 -1.32
CA HIS A 76 1.82 -11.33 -0.42
C HIS A 76 1.75 -12.40 0.72
N PRO A 77 1.84 -13.71 0.38
CA PRO A 77 1.59 -14.67 1.49
C PRO A 77 2.74 -14.73 2.50
N GLN A 78 3.91 -14.19 2.15
CA GLN A 78 5.10 -14.18 3.04
C GLN A 78 5.22 -12.96 3.95
N HIS A 79 4.27 -12.02 3.83
CA HIS A 79 4.31 -10.81 4.70
C HIS A 79 4.17 -11.21 6.15
N LYS A 80 3.19 -12.03 6.50
CA LYS A 80 2.91 -12.19 7.93
C LYS A 80 4.06 -12.72 8.79
N ALA A 81 4.66 -13.82 8.35
CA ALA A 81 5.74 -14.46 9.13
C ALA A 81 6.90 -13.49 9.29
N ALA A 82 7.22 -12.73 8.24
CA ALA A 82 8.36 -11.76 8.27
C ALA A 82 8.05 -10.61 9.21
N VAL A 83 6.84 -10.06 9.11
CA VAL A 83 6.43 -9.02 10.10
C VAL A 83 6.55 -9.53 11.56
N MET A 84 6.01 -10.72 11.79
CA MET A 84 5.91 -11.24 13.15
C MET A 84 7.30 -11.45 13.74
N LEU A 85 8.21 -11.93 12.90
CA LEU A 85 9.62 -12.12 13.29
CA LEU A 85 9.59 -12.14 13.28
C LEU A 85 10.25 -10.79 13.66
N CYS A 86 9.99 -9.75 12.85
CA CYS A 86 10.64 -8.48 13.10
C CYS A 86 10.11 -7.83 14.36
N LEU A 87 8.78 -7.86 14.57
CA LEU A 87 8.17 -7.31 15.77
C LEU A 87 8.61 -8.07 17.02
N ALA A 88 8.69 -9.38 16.95
CA ALA A 88 9.14 -10.18 18.14
C ALA A 88 10.57 -9.75 18.52
N ALA A 89 11.36 -9.32 17.53
CA ALA A 89 12.71 -8.85 17.78
C ALA A 89 12.83 -7.35 18.13
N GLY A 90 11.70 -6.64 18.30
CA GLY A 90 11.69 -5.23 18.74
C GLY A 90 11.96 -4.20 17.62
N LYS A 91 11.85 -4.60 16.36
CA LYS A 91 11.88 -3.66 15.21
C LYS A 91 10.56 -2.95 14.90
N ALA A 92 10.60 -1.70 14.44
CA ALA A 92 9.43 -1.08 13.83
C ALA A 92 9.29 -1.75 12.48
N VAL A 93 8.11 -1.70 11.89
CA VAL A 93 7.96 -2.39 10.58
C VAL A 93 7.12 -1.57 9.64
N LEU A 94 7.61 -1.42 8.41
CA LEU A 94 6.79 -0.90 7.33
C LEU A 94 6.54 -2.13 6.46
N CYS A 95 5.28 -2.55 6.37
CA CYS A 95 4.96 -3.80 5.64
C CYS A 95 4.31 -3.45 4.32
N GLU A 96 4.73 -4.10 3.24
CA GLU A 96 4.12 -3.86 1.95
C GLU A 96 2.65 -4.28 1.87
N LYS A 97 1.94 -3.73 0.87
CA LYS A 97 0.49 -3.89 0.70
C LYS A 97 0.15 -5.17 -0.10
N PRO A 98 -1.04 -5.76 0.11
CA PRO A 98 -1.84 -5.60 1.34
C PRO A 98 -1.05 -6.21 2.47
N MET A 99 -1.24 -5.67 3.68
CA MET A 99 -0.41 -6.07 4.77
CA MET A 99 -0.42 -6.08 4.75
C MET A 99 -0.50 -7.60 4.92
N GLY A 100 -1.73 -8.13 4.91
CA GLY A 100 -1.86 -9.62 5.00
C GLY A 100 -2.84 -10.07 3.92
N VAL A 101 -2.98 -11.38 3.75
CA VAL A 101 -3.87 -11.95 2.69
CA VAL A 101 -3.86 -11.94 2.70
C VAL A 101 -5.33 -12.07 3.16
N ASN A 102 -5.58 -11.95 4.47
CA ASN A 102 -6.94 -11.95 4.96
C ASN A 102 -7.03 -11.15 6.29
N ALA A 103 -8.25 -10.92 6.77
CA ALA A 103 -8.48 -10.10 7.97
C ALA A 103 -7.77 -10.58 9.24
N ALA A 104 -7.64 -11.90 9.39
CA ALA A 104 -7.04 -12.46 10.61
C ALA A 104 -5.53 -12.25 10.60
N GLU A 105 -4.90 -12.33 9.43
CA GLU A 105 -3.45 -12.07 9.37
C GLU A 105 -3.14 -10.64 9.83
N VAL A 106 -3.90 -9.67 9.33
CA VAL A 106 -3.74 -8.28 9.73
C VAL A 106 -4.01 -8.08 11.22
N ARG A 107 -5.09 -8.62 11.74
N ARG A 107 -5.10 -8.66 11.72
CA ARG A 107 -5.36 -8.57 13.17
CA ARG A 107 -5.41 -8.60 13.14
C ARG A 107 -4.22 -9.14 13.99
C ARG A 107 -4.26 -9.15 14.01
N GLU A 108 -3.65 -10.24 13.58
CA GLU A 108 -2.56 -10.87 14.31
C GLU A 108 -1.30 -9.94 14.37
N MET A 109 -0.92 -9.40 13.21
CA MET A 109 0.22 -8.47 13.13
C MET A 109 -0.03 -7.25 13.97
N VAL A 110 -1.23 -6.69 13.86
CA VAL A 110 -1.60 -5.47 14.63
C VAL A 110 -1.59 -5.73 16.14
N THR A 111 -2.22 -6.85 16.58
CA THR A 111 -2.18 -7.19 18.00
C THR A 111 -0.75 -7.32 18.51
N GLU A 112 0.13 -7.96 17.73
CA GLU A 112 1.55 -8.11 18.12
C GLU A 112 2.29 -6.74 18.26
N ALA A 113 2.16 -5.89 17.25
CA ALA A 113 2.77 -4.57 17.30
C ALA A 113 2.28 -3.78 18.51
N ARG A 114 0.97 -3.79 18.74
CA ARG A 114 0.38 -3.11 19.86
C ARG A 114 0.86 -3.63 21.20
N SER A 115 0.95 -4.94 21.37
CA SER A 115 1.28 -5.55 22.66
C SER A 115 2.74 -5.23 23.06
N ARG A 116 3.57 -4.94 22.05
CA ARG A 116 4.99 -4.64 22.24
CA ARG A 116 4.98 -4.63 22.24
C ARG A 116 5.32 -3.16 22.13
N GLY A 117 4.34 -2.30 21.90
CA GLY A 117 4.59 -0.86 21.81
C GLY A 117 5.54 -0.59 20.64
N LEU A 118 5.33 -1.26 19.50
CA LEU A 118 6.21 -1.04 18.31
C LEU A 118 5.42 -0.47 17.12
N PHE A 119 6.04 0.47 16.40
CA PHE A 119 5.45 1.07 15.22
C PHE A 119 5.22 -0.02 14.15
N LEU A 120 4.05 0.00 13.53
CA LEU A 120 3.74 -0.83 12.35
C LEU A 120 2.91 0.04 11.42
N MET A 121 3.23 -0.01 10.14
CA MET A 121 2.42 0.68 9.15
C MET A 121 2.34 -0.11 7.88
N GLU A 122 1.17 -0.06 7.26
CA GLU A 122 1.01 -0.76 5.97
C GLU A 122 1.43 0.26 4.90
N ALA A 123 2.28 -0.18 3.98
CA ALA A 123 2.85 0.67 2.95
C ALA A 123 1.88 1.03 1.83
N ILE A 124 0.84 1.78 2.18
CA ILE A 124 -0.13 2.24 1.20
C ILE A 124 0.40 3.59 0.60
N TRP A 125 1.34 3.46 -0.32
CA TRP A 125 2.17 4.63 -0.69
C TRP A 125 1.37 5.80 -1.22
N THR A 126 0.24 5.48 -1.87
CA THR A 126 -0.62 6.47 -2.53
C THR A 126 -1.04 7.56 -1.56
N ARG A 127 -1.25 7.19 -0.27
CA ARG A 127 -1.81 8.15 0.73
C ARG A 127 -0.87 9.36 0.99
N PHE A 128 0.42 9.15 0.76
CA PHE A 128 1.45 10.15 1.03
C PHE A 128 1.80 11.03 -0.15
N PHE A 129 1.24 10.80 -1.34
CA PHE A 129 1.55 11.66 -2.50
C PHE A 129 0.95 13.02 -2.19
N PRO A 130 1.68 14.10 -2.53
CA PRO A 130 1.14 15.46 -2.38
C PRO A 130 -0.27 15.61 -2.98
N ALA A 131 -0.54 14.93 -4.08
CA ALA A 131 -1.86 14.97 -4.69
C ALA A 131 -2.92 14.48 -3.71
N SER A 132 -2.67 13.31 -3.12
CA SER A 132 -3.62 12.71 -2.12
C SER A 132 -3.78 13.60 -0.88
N GLU A 133 -2.68 14.16 -0.37
CA GLU A 133 -2.73 15.07 0.79
CA GLU A 133 -2.73 15.09 0.78
C GLU A 133 -3.58 16.30 0.41
N ALA A 134 -3.42 16.79 -0.83
CA ALA A 134 -4.17 17.96 -1.30
C ALA A 134 -5.64 17.62 -1.40
N LEU A 135 -5.98 16.42 -1.91
CA LEU A 135 -7.38 16.03 -1.89
C LEU A 135 -7.92 15.98 -0.46
N ARG A 136 -7.17 15.44 0.49
CA ARG A 136 -7.68 15.48 1.85
C ARG A 136 -7.98 16.91 2.37
N SER A 137 -7.15 17.89 2.02
CA SER A 137 -7.36 19.22 2.37
CA SER A 137 -7.43 19.27 2.37
C SER A 137 -8.69 19.79 1.75
N VAL A 138 -8.90 19.48 0.47
CA VAL A 138 -10.09 19.90 -0.24
C VAL A 138 -11.31 19.38 0.50
N LEU A 139 -11.25 18.12 0.93
CA LEU A 139 -12.36 17.55 1.72
C LEU A 139 -12.53 18.25 3.10
N ALA A 140 -11.41 18.40 3.83
CA ALA A 140 -11.45 19.12 5.11
C ALA A 140 -12.03 20.54 4.94
N GLN A 141 -11.73 21.22 3.84
CA GLN A 141 -12.17 22.59 3.60
C GLN A 141 -13.64 22.67 3.23
N GLY A 142 -14.24 21.55 2.83
CA GLY A 142 -15.66 21.56 2.45
C GLY A 142 -15.88 22.09 1.04
N THR A 143 -14.82 22.19 0.24
CA THR A 143 -14.92 22.74 -1.13
C THR A 143 -15.92 22.04 -2.05
N LEU A 144 -16.13 20.73 -1.83
CA LEU A 144 -17.07 20.03 -2.73
C LEU A 144 -18.48 20.06 -2.21
N GLY A 145 -18.73 20.76 -1.11
CA GLY A 145 -20.06 20.74 -0.47
C GLY A 145 -20.32 19.43 0.30
N ASP A 146 -21.59 19.11 0.51
CA ASP A 146 -21.98 17.92 1.21
C ASP A 146 -21.67 16.75 0.27
N LEU A 147 -20.95 15.74 0.75
CA LEU A 147 -20.56 14.61 -0.08
C LEU A 147 -21.75 13.81 -0.60
N ARG A 148 -21.56 13.11 -1.71
CA ARG A 148 -22.62 12.29 -2.30
C ARG A 148 -22.14 10.87 -2.60
N VAL A 149 -20.99 10.78 -3.24
CA VAL A 149 -20.40 9.49 -3.60
C VAL A 149 -19.05 9.70 -4.25
N ALA A 150 -18.40 8.59 -4.60
CA ALA A 150 -17.10 8.62 -5.23
C ALA A 150 -16.85 7.28 -5.89
N ARG A 151 -16.05 7.28 -6.96
CA ARG A 151 -15.77 6.05 -7.68
C ARG A 151 -14.31 5.95 -8.09
N ALA A 152 -13.72 4.78 -7.89
CA ALA A 152 -12.31 4.53 -8.26
C ALA A 152 -12.27 3.34 -9.20
N GLU A 153 -11.25 3.31 -10.04
CA GLU A 153 -11.07 2.11 -10.82
C GLU A 153 -9.61 1.82 -11.10
N PHE A 154 -9.26 0.54 -11.15
CA PHE A 154 -7.88 0.15 -11.40
C PHE A 154 -7.86 -1.14 -12.21
N GLY A 155 -7.59 -1.02 -13.50
CA GLY A 155 -7.61 -2.19 -14.37
C GLY A 155 -6.53 -2.03 -15.42
N LYS A 156 -5.78 -3.12 -15.61
CA LYS A 156 -4.78 -3.23 -16.71
C LYS A 156 -4.72 -4.71 -17.06
N ASN A 157 -4.25 -5.02 -18.26
CA ASN A 157 -4.02 -6.41 -18.65
C ASN A 157 -2.69 -6.89 -18.06
N LEU A 158 -2.75 -7.61 -16.94
CA LEU A 158 -1.57 -8.07 -16.23
C LEU A 158 -1.39 -9.58 -16.38
N THR A 159 -2.02 -10.12 -17.41
CA THR A 159 -2.05 -11.58 -17.58
C THR A 159 -0.66 -12.14 -17.84
N HIS A 160 0.30 -11.30 -18.22
CA HIS A 160 1.68 -11.78 -18.51
C HIS A 160 2.65 -11.41 -17.42
N VAL A 161 2.09 -11.00 -16.26
CA VAL A 161 2.87 -10.65 -15.08
C VAL A 161 2.64 -11.77 -14.06
N PRO A 162 3.60 -12.72 -13.96
CA PRO A 162 3.39 -13.95 -13.16
C PRO A 162 2.94 -13.67 -11.75
N ARG A 163 3.67 -12.82 -11.05
CA ARG A 163 3.23 -12.34 -9.76
C ARG A 163 1.73 -12.22 -9.75
N ALA A 164 1.20 -11.43 -10.69
CA ALA A 164 -0.10 -10.86 -10.59
C ALA A 164 -1.27 -11.80 -10.77
N VAL A 165 -1.07 -12.92 -11.49
CA VAL A 165 -2.15 -13.84 -11.90
C VAL A 165 -2.06 -15.17 -11.09
N ASP A 166 -0.97 -15.31 -10.32
CA ASP A 166 -0.69 -16.55 -9.61
CA ASP A 166 -0.66 -16.52 -9.56
C ASP A 166 -1.53 -16.79 -8.37
N TRP A 167 -2.12 -17.98 -8.26
CA TRP A 167 -2.91 -18.33 -7.09
C TRP A 167 -1.99 -18.51 -5.90
N ALA A 168 -0.81 -19.08 -6.13
CA ALA A 168 0.07 -19.37 -5.00
C ALA A 168 0.65 -18.06 -4.38
N GLN A 169 0.67 -16.97 -5.10
CA GLN A 169 1.19 -15.78 -4.48
C GLN A 169 0.05 -14.82 -4.06
N ALA A 170 -1.14 -15.37 -3.93
CA ALA A 170 -2.37 -14.57 -3.61
C ALA A 170 -2.46 -13.32 -4.53
N GLY A 171 -2.39 -13.53 -5.86
CA GLY A 171 -2.51 -12.46 -6.83
C GLY A 171 -3.99 -12.16 -7.12
N GLY A 172 -4.25 -11.60 -8.28
CA GLY A 172 -5.64 -11.35 -8.75
C GLY A 172 -6.00 -9.86 -8.63
N ALA A 173 -7.15 -9.47 -9.16
CA ALA A 173 -7.51 -8.08 -9.28
C ALA A 173 -7.62 -7.44 -7.88
N LEU A 174 -8.29 -8.10 -6.93
CA LEU A 174 -8.57 -7.44 -5.63
C LEU A 174 -7.27 -7.16 -4.84
N LEU A 175 -6.43 -8.16 -4.66
CA LEU A 175 -5.25 -7.99 -3.81
CA LEU A 175 -5.24 -8.01 -3.80
C LEU A 175 -4.13 -7.22 -4.50
N ASP A 176 -4.13 -7.17 -5.82
CA ASP A 176 -3.15 -6.38 -6.57
C ASP A 176 -3.58 -4.92 -6.86
N LEU A 177 -4.86 -4.73 -7.15
CA LEU A 177 -5.34 -3.45 -7.67
C LEU A 177 -6.51 -2.94 -6.88
N GLY A 178 -7.47 -3.79 -6.51
CA GLY A 178 -8.60 -3.33 -5.74
C GLY A 178 -8.21 -2.74 -4.38
N ILE A 179 -7.09 -3.13 -3.84
CA ILE A 179 -6.62 -2.59 -2.57
C ILE A 179 -6.47 -1.06 -2.67
N TYR A 180 -6.04 -0.58 -3.82
CA TYR A 180 -5.95 0.87 -4.02
C TYR A 180 -7.32 1.57 -4.11
N CYS A 181 -8.28 0.92 -4.73
CA CYS A 181 -9.62 1.46 -4.78
C CYS A 181 -10.28 1.51 -3.39
N VAL A 182 -10.13 0.45 -2.58
CA VAL A 182 -10.75 0.35 -1.24
C VAL A 182 -10.09 1.44 -0.34
N GLN A 183 -8.78 1.56 -0.41
CA GLN A 183 -8.17 2.60 0.46
C GLN A 183 -8.60 4.00 0.07
N PHE A 184 -8.79 4.26 -1.22
CA PHE A 184 -9.18 5.59 -1.64
C PHE A 184 -10.60 5.90 -1.13
N ILE A 185 -11.51 4.95 -1.32
CA ILE A 185 -12.89 5.17 -0.91
C ILE A 185 -12.96 5.37 0.61
N SER A 186 -12.16 4.60 1.35
CA SER A 186 -12.11 4.71 2.80
C SER A 186 -11.58 6.09 3.19
N MET A 187 -10.52 6.52 2.50
CA MET A 187 -9.94 7.81 2.82
C MET A 187 -10.93 8.96 2.64
N VAL A 188 -11.66 9.00 1.52
CA VAL A 188 -12.58 10.12 1.29
C VAL A 188 -13.75 10.14 2.25
N PHE A 189 -14.08 8.99 2.81
CA PHE A 189 -15.20 8.84 3.75
C PHE A 189 -14.69 8.66 5.19
N GLY A 190 -13.56 9.27 5.50
CA GLY A 190 -13.04 9.33 6.85
C GLY A 190 -12.82 8.01 7.57
N GLY A 191 -12.34 7.02 6.83
CA GLY A 191 -12.02 5.73 7.41
C GLY A 191 -13.20 5.02 8.11
N GLN A 192 -14.42 5.40 7.78
CA GLN A 192 -15.63 4.81 8.39
C GLN A 192 -15.96 3.42 7.87
N LYS A 193 -16.51 2.57 8.74
CA LYS A 193 -16.87 1.22 8.36
C LYS A 193 -18.12 1.27 7.47
N PRO A 194 -18.07 0.59 6.31
CA PRO A 194 -19.27 0.51 5.46
C PRO A 194 -20.46 -0.17 6.15
N GLU A 195 -21.67 0.26 5.82
CA GLU A 195 -22.88 -0.39 6.37
C GLU A 195 -23.28 -1.60 5.54
N LYS A 196 -22.84 -1.64 4.28
CA LYS A 196 -23.30 -2.74 3.41
C LYS A 196 -22.38 -2.78 2.21
N ILE A 197 -22.14 -3.98 1.66
CA ILE A 197 -21.27 -4.16 0.49
C ILE A 197 -21.97 -5.06 -0.53
N SER A 198 -22.01 -4.68 -1.83
CA SER A 198 -22.54 -5.62 -2.87
C SER A 198 -21.47 -5.82 -3.90
N VAL A 199 -21.41 -7.02 -4.46
CA VAL A 199 -20.22 -7.38 -5.27
C VAL A 199 -20.66 -8.14 -6.50
N MET A 200 -20.05 -7.85 -7.65
CA MET A 200 -20.19 -8.75 -8.80
C MET A 200 -18.79 -8.94 -9.33
N GLY A 201 -18.51 -10.11 -9.85
CA GLY A 201 -17.18 -10.27 -10.47
C GLY A 201 -17.05 -11.64 -11.13
N ARG A 202 -15.90 -11.84 -11.78
CA ARG A 202 -15.70 -13.15 -12.37
CA ARG A 202 -15.62 -13.03 -12.60
C ARG A 202 -14.27 -13.56 -12.17
N ARG A 203 -14.09 -14.88 -12.14
CA ARG A 203 -12.79 -15.48 -11.89
C ARG A 203 -11.92 -15.47 -13.14
N HIS A 204 -10.63 -15.69 -12.94
CA HIS A 204 -9.66 -15.83 -14.04
C HIS A 204 -9.18 -17.29 -14.00
N GLU A 205 -8.84 -17.85 -15.14
CA GLU A 205 -8.45 -19.24 -15.25
C GLU A 205 -7.21 -19.72 -14.49
N THR A 206 -6.49 -18.81 -13.87
CA THR A 206 -5.31 -19.19 -13.07
C THR A 206 -5.64 -19.35 -11.63
N GLY A 207 -6.91 -19.31 -11.26
CA GLY A 207 -7.26 -19.55 -9.88
C GLY A 207 -7.52 -18.31 -9.03
N VAL A 208 -7.43 -17.12 -9.61
CA VAL A 208 -7.66 -15.88 -8.87
C VAL A 208 -8.78 -15.08 -9.53
N ASP A 209 -9.17 -13.95 -8.93
CA ASP A 209 -10.24 -13.17 -9.54
C ASP A 209 -9.77 -12.29 -10.70
N ASP A 210 -10.63 -12.08 -11.68
CA ASP A 210 -10.28 -11.45 -12.96
C ASP A 210 -10.75 -9.96 -12.93
N THR A 211 -12.04 -9.73 -12.70
CA THR A 211 -12.62 -8.38 -12.76
C THR A 211 -13.70 -8.34 -11.70
N VAL A 212 -13.74 -7.27 -10.91
CA VAL A 212 -14.65 -7.27 -9.75
C VAL A 212 -15.12 -5.83 -9.56
N THR A 213 -16.42 -5.65 -9.43
CA THR A 213 -17.00 -4.35 -9.11
C THR A 213 -17.71 -4.45 -7.76
N VAL A 214 -17.53 -3.40 -6.96
CA VAL A 214 -18.08 -3.36 -5.60
C VAL A 214 -18.82 -2.06 -5.35
N LEU A 215 -19.94 -2.15 -4.61
CA LEU A 215 -20.75 -1.02 -4.23
CA LEU A 215 -20.73 -0.99 -4.25
C LEU A 215 -20.69 -1.04 -2.73
N LEU A 216 -20.39 0.13 -2.10
CA LEU A 216 -20.30 0.18 -0.64
C LEU A 216 -21.12 1.28 -0.10
N GLN A 217 -22.01 0.96 0.83
CA GLN A 217 -22.84 2.00 1.46
C GLN A 217 -22.04 2.57 2.63
N TYR A 218 -21.81 3.87 2.68
CA TYR A 218 -21.19 4.46 3.82
C TYR A 218 -22.16 5.19 4.75
N PRO A 219 -21.78 5.47 5.99
CA PRO A 219 -22.70 6.15 6.91
C PRO A 219 -23.01 7.60 6.51
N GLY A 220 -24.27 8.05 6.66
CA GLY A 220 -24.63 9.44 6.35
C GLY A 220 -25.09 9.55 4.89
N GLU A 221 -25.64 8.46 4.36
CA GLU A 221 -26.27 8.50 3.01
CA GLU A 221 -26.24 8.46 3.01
C GLU A 221 -25.25 8.89 1.91
N VAL A 222 -24.07 8.33 1.96
CA VAL A 222 -23.10 8.52 0.86
C VAL A 222 -22.65 7.12 0.50
N HIS A 223 -22.10 6.91 -0.72
CA HIS A 223 -21.68 5.56 -1.05
C HIS A 223 -20.55 5.66 -2.08
N GLY A 224 -19.82 4.59 -2.24
CA GLY A 224 -18.68 4.54 -3.21
C GLY A 224 -18.83 3.26 -4.02
N SER A 225 -18.15 3.24 -5.17
CA SER A 225 -18.09 2.01 -5.94
C SER A 225 -16.71 1.98 -6.60
N PHE A 226 -16.23 0.78 -6.90
CA PHE A 226 -15.04 0.69 -7.68
C PHE A 226 -15.04 -0.55 -8.55
N THR A 227 -14.18 -0.51 -9.58
CA THR A 227 -13.99 -1.68 -10.44
C THR A 227 -12.48 -1.92 -10.55
N CYS A 228 -12.05 -3.19 -10.41
CA CYS A 228 -10.65 -3.51 -10.62
C CYS A 228 -10.57 -4.73 -11.54
N SER A 229 -9.42 -4.91 -12.22
CA SER A 229 -9.35 -6.01 -13.17
C SER A 229 -7.90 -6.27 -13.49
N ILE A 230 -7.56 -7.53 -13.67
CA ILE A 230 -6.23 -7.86 -14.19
C ILE A 230 -6.26 -8.26 -15.69
N THR A 231 -7.40 -8.10 -16.32
CA THR A 231 -7.45 -8.26 -17.77
C THR A 231 -7.89 -7.01 -18.52
N ALA A 232 -8.85 -6.26 -17.98
CA ALA A 232 -9.40 -5.15 -18.74
C ALA A 232 -8.84 -3.78 -18.36
N GLN A 233 -8.34 -3.03 -19.32
CA GLN A 233 -7.84 -1.68 -19.03
C GLN A 233 -8.98 -0.74 -18.65
N LEU A 234 -8.83 -0.01 -17.54
CA LEU A 234 -9.89 0.93 -17.08
C LEU A 234 -9.37 2.40 -17.12
N SER A 235 -10.19 3.36 -16.72
CA SER A 235 -9.79 4.76 -16.71
CA SER A 235 -9.79 4.76 -16.71
C SER A 235 -8.64 4.96 -15.74
N ASN A 236 -8.63 4.20 -14.63
CA ASN A 236 -7.54 4.33 -13.63
C ASN A 236 -7.49 5.77 -13.06
N THR A 237 -8.68 6.29 -12.83
CA THR A 237 -8.84 7.55 -12.10
C THR A 237 -9.63 7.31 -10.84
N ALA A 238 -9.67 8.30 -9.97
CA ALA A 238 -10.51 8.14 -8.77
C ALA A 238 -11.14 9.50 -8.47
N SER A 239 -12.36 9.51 -7.97
CA SER A 239 -13.08 10.78 -7.86
C SER A 239 -13.96 10.79 -6.64
N VAL A 240 -14.31 11.99 -6.20
CA VAL A 240 -15.24 12.20 -5.09
C VAL A 240 -16.08 13.43 -5.41
N SER A 241 -17.40 13.30 -5.30
CA SER A 241 -18.30 14.40 -5.67
C SER A 241 -19.30 14.74 -4.59
N GLY A 242 -19.50 16.05 -4.43
CA GLY A 242 -20.51 16.60 -3.51
C GLY A 242 -21.41 17.63 -4.21
N THR A 243 -22.27 18.30 -3.42
CA THR A 243 -23.27 19.18 -3.96
C THR A 243 -22.63 20.42 -4.62
N LYS A 244 -21.35 20.70 -4.36
CA LYS A 244 -20.68 21.81 -5.03
C LYS A 244 -19.66 21.43 -6.04
N GLY A 245 -19.38 20.15 -6.25
CA GLY A 245 -18.56 19.72 -7.38
C GLY A 245 -17.75 18.47 -7.15
N MET A 246 -16.78 18.21 -8.04
CA MET A 246 -16.05 16.95 -8.08
C MET A 246 -14.55 17.18 -7.94
N ALA A 247 -13.85 16.29 -7.23
CA ALA A 247 -12.39 16.27 -7.27
C ALA A 247 -11.98 14.95 -7.90
N GLN A 248 -10.95 14.96 -8.74
CA GLN A 248 -10.50 13.69 -9.32
CA GLN A 248 -10.49 13.71 -9.37
C GLN A 248 -8.97 13.58 -9.26
N LEU A 249 -8.50 12.36 -9.01
CA LEU A 249 -7.06 12.10 -9.09
C LEU A 249 -6.92 11.39 -10.42
N LEU A 250 -6.14 11.97 -11.34
CA LEU A 250 -6.01 11.44 -12.69
C LEU A 250 -5.18 10.20 -12.79
N ASN A 251 -5.33 9.47 -13.90
CA ASN A 251 -4.48 8.35 -14.19
C ASN A 251 -3.00 8.79 -14.21
N PRO A 252 -2.10 8.11 -13.48
CA PRO A 252 -2.34 6.88 -12.68
C PRO A 252 -2.87 7.24 -11.26
N CYS A 253 -4.11 6.86 -10.97
CA CYS A 253 -4.71 7.13 -9.67
C CYS A 253 -3.85 6.60 -8.53
N TRP A 254 -3.54 5.31 -8.56
CA TRP A 254 -2.73 4.69 -7.52
C TRP A 254 -1.46 5.50 -7.25
N CYS A 255 -0.97 6.17 -8.29
CA CYS A 255 0.22 7.01 -8.18
C CYS A 255 -0.07 8.34 -8.88
N PRO A 256 -0.90 9.16 -8.25
CA PRO A 256 -1.33 10.43 -8.84
C PRO A 256 -0.35 11.58 -8.63
N THR A 257 -0.33 12.49 -9.60
CA THR A 257 0.50 13.69 -9.55
C THR A 257 -0.37 14.83 -10.04
N GLU A 258 -1.57 14.47 -10.51
CA GLU A 258 -2.54 15.45 -10.92
CA GLU A 258 -2.57 15.38 -10.93
C GLU A 258 -3.87 15.36 -10.19
N LEU A 259 -4.31 16.48 -9.66
CA LEU A 259 -5.59 16.59 -8.98
C LEU A 259 -6.42 17.61 -9.74
N VAL A 260 -7.66 17.27 -10.06
CA VAL A 260 -8.52 18.24 -10.68
C VAL A 260 -9.69 18.52 -9.74
N VAL A 261 -9.92 19.80 -9.39
CA VAL A 261 -11.01 20.16 -8.45
C VAL A 261 -11.90 21.21 -9.07
N LYS A 262 -13.17 20.85 -9.33
CA LYS A 262 -14.09 21.76 -10.00
CA LYS A 262 -14.11 21.71 -10.02
C LYS A 262 -13.48 22.33 -11.28
N GLY A 263 -12.89 21.47 -12.14
CA GLY A 263 -12.31 21.90 -13.40
C GLY A 263 -10.93 22.55 -13.31
N GLU A 264 -10.47 22.87 -12.13
CA GLU A 264 -9.15 23.43 -11.96
CA GLU A 264 -9.17 23.43 -11.96
C GLU A 264 -8.06 22.38 -11.74
N HIS A 265 -7.05 22.36 -12.59
CA HIS A 265 -6.00 21.35 -12.58
CA HIS A 265 -6.01 21.35 -12.58
C HIS A 265 -4.81 21.76 -11.73
N LYS A 266 -4.23 20.80 -11.03
CA LYS A 266 -3.04 21.03 -10.21
C LYS A 266 -2.08 19.86 -10.38
N GLU A 267 -0.82 20.16 -10.63
CA GLU A 267 0.18 19.11 -10.87
C GLU A 267 1.16 19.13 -9.71
N PHE A 268 1.56 17.95 -9.23
CA PHE A 268 2.53 17.82 -8.14
C PHE A 268 3.67 16.97 -8.63
N LEU A 269 4.82 17.57 -8.95
CA LEU A 269 5.88 16.75 -9.57
C LEU A 269 6.45 15.72 -8.60
N LEU A 270 6.83 14.58 -9.15
CA LEU A 270 7.51 13.51 -8.36
C LEU A 270 8.94 13.93 -8.04
N PRO A 271 9.54 13.35 -6.98
CA PRO A 271 11.00 13.60 -6.89
C PRO A 271 11.75 13.22 -8.21
N PRO A 272 12.91 13.89 -8.47
CA PRO A 272 13.61 13.67 -9.75
C PRO A 272 14.21 12.28 -9.87
N VAL A 273 14.64 11.69 -8.75
CA VAL A 273 15.24 10.36 -8.77
C VAL A 273 14.62 9.48 -7.69
N PRO A 274 14.77 8.17 -7.80
CA PRO A 274 15.49 7.51 -8.89
C PRO A 274 14.65 7.49 -10.14
N LYS A 275 15.20 7.18 -11.29
CA LYS A 275 14.42 7.12 -12.51
CA LYS A 275 14.43 7.11 -12.52
C LYS A 275 14.55 5.65 -12.89
N ASN A 276 13.81 5.21 -13.87
CA ASN A 276 13.95 3.80 -14.27
C ASN A 276 13.60 2.82 -13.16
N CYS A 277 12.54 3.10 -12.41
CA CYS A 277 12.14 2.20 -11.33
C CYS A 277 11.32 1.02 -11.86
N ASN A 278 11.43 -0.16 -11.26
CA ASN A 278 10.67 -1.30 -11.76
C ASN A 278 9.18 -0.99 -11.94
N PHE A 279 8.67 -0.12 -11.09
CA PHE A 279 7.26 0.23 -11.09
C PHE A 279 7.02 1.69 -11.40
N ASP A 280 5.95 1.93 -12.16
CA ASP A 280 5.54 3.27 -12.56
CA ASP A 280 5.58 3.28 -12.53
C ASP A 280 5.61 4.24 -11.35
N ASN A 281 6.21 5.42 -11.56
CA ASN A 281 6.27 6.45 -10.51
C ASN A 281 6.85 5.97 -9.17
N GLY A 282 7.74 4.99 -9.23
CA GLY A 282 8.39 4.40 -8.05
C GLY A 282 9.08 5.41 -7.18
N ALA A 283 9.50 6.53 -7.77
CA ALA A 283 10.16 7.59 -7.02
C ALA A 283 9.24 8.09 -5.90
N GLY A 284 7.94 8.06 -6.12
CA GLY A 284 6.98 8.53 -5.08
C GLY A 284 6.97 7.70 -3.79
N MET A 285 7.73 6.64 -3.71
CA MET A 285 7.81 5.86 -2.44
C MET A 285 8.55 6.68 -1.39
N SER A 286 9.26 7.74 -1.83
CA SER A 286 9.95 8.63 -0.88
CA SER A 286 9.93 8.64 -0.89
C SER A 286 8.98 9.21 0.16
N TYR A 287 7.77 9.53 -0.25
CA TYR A 287 6.87 10.19 0.66
C TYR A 287 6.54 9.33 1.87
N GLU A 288 6.22 8.03 1.65
CA GLU A 288 5.93 7.13 2.76
C GLU A 288 7.21 6.89 3.58
N ALA A 289 8.39 6.79 2.95
CA ALA A 289 9.62 6.63 3.71
C ALA A 289 9.83 7.82 4.69
N LYS A 290 9.67 9.03 4.18
CA LYS A 290 9.86 10.21 5.05
CA LYS A 290 9.85 10.23 5.04
C LYS A 290 8.79 10.26 6.12
N HIS A 291 7.57 9.82 5.76
CA HIS A 291 6.54 9.75 6.80
C HIS A 291 6.88 8.81 7.97
N VAL A 292 7.41 7.63 7.69
CA VAL A 292 7.76 6.68 8.77
C VAL A 292 8.81 7.33 9.70
N ARG A 293 9.82 8.00 9.10
CA ARG A 293 10.82 8.66 9.96
C ARG A 293 10.13 9.73 10.86
N GLU A 294 9.25 10.56 10.31
CA GLU A 294 8.55 11.60 11.11
C GLU A 294 7.75 10.94 12.25
N CYS A 295 7.05 9.82 11.97
CA CYS A 295 6.31 9.12 13.04
C CYS A 295 7.29 8.65 14.09
N LEU A 296 8.40 8.02 13.69
CA LEU A 296 9.27 7.39 14.65
C LEU A 296 9.94 8.50 15.51
N ARG A 297 10.36 9.58 14.85
CA ARG A 297 10.88 10.74 15.62
C ARG A 297 9.87 11.30 16.59
N LYS A 298 8.58 11.27 16.26
CA LYS A 298 7.63 11.71 17.26
C LYS A 298 7.26 10.63 18.30
N GLY A 299 7.90 9.45 18.29
CA GLY A 299 7.52 8.35 19.22
C GLY A 299 6.14 7.70 18.94
N LEU A 300 5.61 7.86 17.73
CA LEU A 300 4.33 7.23 17.38
C LEU A 300 4.45 5.73 17.09
N LYS A 301 3.42 4.97 17.48
CA LYS A 301 3.39 3.54 17.23
C LYS A 301 2.51 3.18 16.03
N GLU A 302 2.01 4.19 15.30
CA GLU A 302 1.32 3.95 14.02
C GLU A 302 1.16 5.28 13.38
N SER A 303 0.72 5.29 12.14
CA SER A 303 0.56 6.52 11.37
C SER A 303 -0.86 6.99 11.56
N PRO A 304 -1.08 8.29 11.76
CA PRO A 304 -2.42 8.89 11.77
C PRO A 304 -3.02 8.84 10.38
N VAL A 305 -2.19 8.72 9.35
CA VAL A 305 -2.68 8.77 7.98
C VAL A 305 -3.27 7.37 7.56
N ILE A 306 -2.65 6.30 8.05
CA ILE A 306 -3.09 4.89 7.82
CA ILE A 306 -3.15 4.92 7.83
C ILE A 306 -3.03 4.14 9.15
N PRO A 307 -3.97 4.44 10.05
CA PRO A 307 -3.89 3.84 11.39
C PRO A 307 -4.17 2.33 11.33
N LEU A 308 -3.63 1.60 12.27
CA LEU A 308 -3.78 0.14 12.26
C LEU A 308 -5.27 -0.31 12.27
N VAL A 309 -6.14 0.42 12.96
CA VAL A 309 -7.54 0.05 12.96
CA VAL A 309 -7.57 0.08 12.94
C VAL A 309 -8.14 0.17 11.53
N GLU A 310 -7.62 1.13 10.74
CA GLU A 310 -8.12 1.25 9.37
C GLU A 310 -7.48 0.14 8.52
N SER A 311 -6.21 -0.20 8.71
CA SER A 311 -5.68 -1.37 7.96
C SER A 311 -6.54 -2.65 8.22
N GLU A 312 -6.93 -2.84 9.47
CA GLU A 312 -7.78 -3.96 9.80
C GLU A 312 -9.11 -3.86 9.01
N LEU A 313 -9.72 -2.66 8.96
CA LEU A 313 -10.99 -2.48 8.29
C LEU A 313 -10.80 -2.71 6.79
N LEU A 314 -9.69 -2.18 6.20
CA LEU A 314 -9.50 -2.39 4.75
C LEU A 314 -9.43 -3.90 4.47
N ALA A 315 -8.80 -4.64 5.39
CA ALA A 315 -8.61 -6.07 5.22
C ALA A 315 -9.96 -6.78 5.32
N ASP A 316 -10.75 -6.32 6.28
CA ASP A 316 -12.09 -6.88 6.49
C ASP A 316 -12.93 -6.69 5.24
N ILE A 317 -12.84 -5.51 4.63
CA ILE A 317 -13.58 -5.21 3.42
C ILE A 317 -13.13 -6.12 2.29
N LEU A 318 -11.85 -6.18 2.05
CA LEU A 318 -11.31 -6.94 0.94
C LEU A 318 -11.70 -8.42 1.05
N GLU A 319 -11.61 -8.94 2.26
CA GLU A 319 -11.97 -10.34 2.51
C GLU A 319 -13.46 -10.58 2.25
N GLU A 320 -14.30 -9.68 2.73
CA GLU A 320 -15.77 -9.80 2.50
C GLU A 320 -16.08 -9.80 1.00
N VAL A 321 -15.37 -8.92 0.27
CA VAL A 321 -15.59 -8.82 -1.18
C VAL A 321 -15.18 -10.16 -1.81
N ARG A 322 -13.98 -10.65 -1.52
CA ARG A 322 -13.61 -11.86 -2.27
C ARG A 322 -14.42 -13.10 -1.86
N ARG A 323 -14.90 -13.15 -0.61
CA ARG A 323 -15.82 -14.22 -0.19
C ARG A 323 -17.19 -14.16 -0.90
N ALA A 324 -17.66 -12.95 -1.17
CA ALA A 324 -18.94 -12.74 -1.86
C ALA A 324 -18.91 -13.35 -3.26
N ILE A 325 -17.71 -13.51 -3.80
CA ILE A 325 -17.64 -14.14 -5.12
CA ILE A 325 -17.42 -14.03 -5.12
C ILE A 325 -16.93 -15.50 -5.06
N GLY A 326 -16.89 -16.04 -3.83
CA GLY A 326 -16.42 -17.45 -3.62
C GLY A 326 -14.93 -17.65 -3.78
N VAL A 327 -14.12 -16.57 -3.72
CA VAL A 327 -12.69 -16.73 -3.87
C VAL A 327 -12.08 -16.89 -2.47
N THR A 328 -11.77 -18.15 -2.10
CA THR A 328 -11.26 -18.47 -0.76
C THR A 328 -9.80 -18.84 -0.89
N PHE A 329 -9.06 -18.64 0.19
CA PHE A 329 -7.64 -18.94 0.33
C PHE A 329 -7.43 -20.03 1.39
N PRO A 330 -6.36 -20.77 1.35
CA PRO A 330 -6.16 -21.69 2.48
C PRO A 330 -6.16 -21.03 3.91
N GLN A 331 -5.59 -19.84 3.95
CA GLN A 331 -5.40 -19.10 5.14
C GLN A 331 -6.76 -18.69 5.57
N ASP A 332 -7.66 -18.71 4.59
CA ASP A 332 -9.07 -18.33 4.66
C ASP A 332 -9.56 -17.13 3.76
#